data_4FOB
#
_entry.id   4FOB
#
_cell.length_a   51.624
_cell.length_b   57.525
_cell.length_c   105.521
_cell.angle_alpha   90.000
_cell.angle_beta   90.000
_cell.angle_gamma   90.000
#
_symmetry.space_group_name_H-M   'P 21 21 21'
#
loop_
_entity.id
_entity.type
_entity.pdbx_description
1 polymer 'ALK tyrosine kinase receptor'
2 non-polymer N-{1-[cis-4-(hydroxymethyl)cyclohexyl]-5-(piperidin-1-ylmethyl)-1H-benzimidazol-2-yl}-3-(prop-2-en-1-ylsulfamoyl)benzamide
3 water water
#
_entity_poly.entity_id   1
_entity_poly.type   'polypeptide(L)'
_entity_poly.pdbx_seq_one_letter_code
;VYRRKHQELQAMQMELQSPEYKLSKLRTSTIMTDYNPNYSFAGKTSSISDLKEVPRKNITLIRGLGHGAFGEVYEGQVSG
MPNDPSPLQVAVKTLPEVCSEQDELDFLMEALIISKFNHQNIVRCIGVSLQSLPRFILLELMAGGDLKSFLRETRPRPSQ
PSSLAMLDLLHVARDIACGCQYLEENHFIHRDIAARNCLLTCPGPGRVAKIGDFGMARDIYRASYYRKGGCAMLPVKWMP
PEAFMEGIFTSKTDTWSFGVLLWEIFSLGYMPYPSKSNQEVLEFVTSGGRMDPPKNCPGPVYRIMTQCWQHQPEDRPNFA
IILERIEYCTQDPDVINTALPIEYGPLVEEEEK
;
_entity_poly.pdbx_strand_id   A
#
loop_
_chem_comp.id
_chem_comp.type
_chem_comp.name
_chem_comp.formula
0US non-polymer N-{1-[cis-4-(hydroxymethyl)cyclohexyl]-5-(piperidin-1-ylmethyl)-1H-benzimidazol-2-yl}-3-(prop-2-en-1-ylsulfamoyl)benzamide 'C30 H39 N5 O4 S'
#
# COMPACT_ATOMS: atom_id res chain seq x y z
N ASN A 36 -2.57 12.50 25.37
CA ASN A 36 -2.93 11.08 25.10
C ASN A 36 -4.16 10.98 24.19
N PRO A 37 -3.98 11.22 22.87
CA PRO A 37 -5.10 11.02 21.97
C PRO A 37 -5.49 9.53 21.91
N ASN A 38 -6.79 9.26 21.86
CA ASN A 38 -7.30 7.90 21.73
C ASN A 38 -7.49 7.54 20.25
N TYR A 39 -7.34 6.27 19.94
CA TYR A 39 -7.57 5.79 18.58
C TYR A 39 -8.52 4.61 18.64
N SER A 40 -9.57 4.65 17.82
CA SER A 40 -10.53 3.53 17.75
C SER A 40 -10.51 2.84 16.38
N PHE A 41 -10.41 1.52 16.41
CA PHE A 41 -10.44 0.67 15.22
C PHE A 41 -11.23 -0.57 15.56
N ALA A 42 -12.09 -1.00 14.64
CA ALA A 42 -12.88 -2.20 14.85
C ALA A 42 -13.59 -2.17 16.21
N GLY A 43 -14.10 -0.99 16.58
CA GLY A 43 -14.87 -0.83 17.81
C GLY A 43 -14.12 -0.92 19.13
N LYS A 44 -12.80 -1.01 19.06
CA LYS A 44 -11.96 -1.03 20.26
C LYS A 44 -11.09 0.21 20.26
N THR A 45 -10.98 0.84 21.44
CA THR A 45 -10.21 2.07 21.61
C THR A 45 -8.82 1.75 22.18
N SER A 46 -7.82 2.51 21.76
CA SER A 46 -6.45 2.33 22.24
C SER A 46 -5.79 3.67 22.44
N SER A 47 -4.75 3.66 23.26
CA SER A 47 -3.98 4.85 23.54
C SER A 47 -2.52 4.47 23.66
N ILE A 48 -1.67 5.47 23.85
CA ILE A 48 -0.22 5.29 23.85
C ILE A 48 0.20 4.19 24.83
N SER A 49 -0.44 4.17 26.01
CA SER A 49 -0.21 3.13 27.01
C SER A 49 -0.34 1.69 26.48
N ASP A 50 -1.15 1.46 25.45
CA ASP A 50 -1.28 0.12 24.86
C ASP A 50 -0.11 -0.27 23.94
N LEU A 51 0.66 0.71 23.47
CA LEU A 51 1.76 0.40 22.58
C LEU A 51 2.84 -0.38 23.34
N LYS A 52 3.45 -1.35 22.68
CA LYS A 52 4.51 -2.15 23.28
C LYS A 52 5.85 -1.41 23.21
N GLU A 53 6.23 -0.77 24.32
CA GLU A 53 7.51 -0.05 24.42
C GLU A 53 8.68 -1.00 24.56
N VAL A 54 9.66 -0.83 23.67
CA VAL A 54 10.85 -1.66 23.66
C VAL A 54 11.98 -0.79 24.19
N PRO A 55 12.73 -1.28 25.20
CA PRO A 55 13.80 -0.44 25.75
C PRO A 55 14.82 -0.04 24.68
N ARG A 56 15.24 1.22 24.69
CA ARG A 56 16.15 1.75 23.66
C ARG A 56 17.43 0.93 23.55
N LYS A 57 17.93 0.43 24.69
CA LYS A 57 19.14 -0.40 24.73
C LYS A 57 18.98 -1.77 24.06
N ASN A 58 17.74 -2.22 23.84
CA ASN A 58 17.52 -3.45 23.07
C ASN A 58 17.56 -3.27 21.54
N ILE A 59 17.70 -2.02 21.09
CA ILE A 59 17.53 -1.66 19.68
C ILE A 59 18.84 -1.15 19.07
N THR A 60 19.29 -1.79 18.00
CA THR A 60 20.50 -1.38 17.29
C THR A 60 20.16 -1.08 15.83
N LEU A 61 20.64 0.03 15.30
CA LEU A 61 20.51 0.35 13.86
C LEU A 61 21.69 -0.24 13.07
N ILE A 62 21.39 -0.81 11.90
CA ILE A 62 22.39 -1.48 11.06
C ILE A 62 22.76 -0.63 9.83
N ARG A 63 21.73 -0.13 9.14
CA ARG A 63 21.91 0.64 7.91
C ARG A 63 20.64 1.39 7.58
N GLY A 64 20.78 2.49 6.84
CA GLY A 64 19.67 3.20 6.27
C GLY A 64 19.10 2.40 5.12
N LEU A 65 17.78 2.45 4.97
CA LEU A 65 17.09 1.78 3.87
C LEU A 65 16.48 2.78 2.88
N GLY A 66 16.44 4.05 3.26
CA GLY A 66 15.86 5.10 2.41
C GLY A 66 14.93 5.96 3.22
N HIS A 67 14.24 6.88 2.57
CA HIS A 67 13.31 7.77 3.25
C HIS A 67 12.04 7.93 2.47
N GLY A 68 10.96 8.24 3.19
CA GLY A 68 9.74 8.76 2.57
C GLY A 68 9.76 10.27 2.75
N ALA A 69 8.58 10.86 2.97
CA ALA A 69 8.48 12.23 3.47
C ALA A 69 8.60 12.24 5.00
N PHE A 70 8.61 11.04 5.59
CA PHE A 70 8.42 10.84 7.02
C PHE A 70 9.72 10.39 7.67
N GLY A 71 10.68 11.30 7.80
CA GLY A 71 12.01 10.94 8.27
C GLY A 71 12.63 9.79 7.46
N GLU A 72 13.62 9.13 8.05
CA GLU A 72 14.39 8.09 7.35
C GLU A 72 14.03 6.72 7.95
N VAL A 73 14.14 5.66 7.14
CA VAL A 73 13.86 4.30 7.62
C VAL A 73 15.16 3.49 7.68
N TYR A 74 15.36 2.79 8.79
CA TYR A 74 16.56 1.96 8.97
C TYR A 74 16.21 0.51 9.13
N GLU A 75 17.16 -0.34 8.79
CA GLU A 75 17.15 -1.72 9.23
C GLU A 75 17.73 -1.75 10.64
N GLY A 76 17.08 -2.48 11.53
CA GLY A 76 17.52 -2.59 12.91
C GLY A 76 17.39 -3.99 13.44
N GLN A 77 17.86 -4.18 14.66
CA GLN A 77 17.68 -5.45 15.35
C GLN A 77 17.30 -5.20 16.78
N VAL A 78 16.42 -6.04 17.29
CA VAL A 78 15.91 -5.93 18.64
C VAL A 78 16.39 -7.15 19.44
N SER A 79 17.04 -6.89 20.57
CA SER A 79 17.47 -7.94 21.50
C SER A 79 16.60 -7.89 22.75
N SER A 86 20.32 -14.53 18.33
CA SER A 86 19.22 -14.55 17.37
C SER A 86 18.33 -13.32 17.51
N PRO A 87 18.90 -12.11 17.37
CA PRO A 87 18.05 -10.92 17.53
C PRO A 87 16.95 -10.87 16.46
N LEU A 88 15.94 -10.04 16.70
CA LEU A 88 14.84 -9.87 15.76
C LEU A 88 15.18 -8.77 14.75
N GLN A 89 15.16 -9.08 13.45
CA GLN A 89 15.38 -8.06 12.42
C GLN A 89 14.10 -7.24 12.18
N VAL A 90 14.23 -5.91 12.22
CA VAL A 90 13.09 -5.01 12.02
C VAL A 90 13.42 -3.83 11.07
N ALA A 91 12.37 -3.16 10.63
CA ALA A 91 12.49 -1.82 10.07
C ALA A 91 12.20 -0.82 11.18
N VAL A 92 12.97 0.26 11.21
CA VAL A 92 12.83 1.30 12.24
C VAL A 92 12.46 2.58 11.52
N LYS A 93 11.23 3.03 11.75
CA LYS A 93 10.79 4.33 11.29
C LYS A 93 11.12 5.36 12.37
N THR A 94 11.71 6.48 11.98
CA THR A 94 12.16 7.47 12.95
C THR A 94 11.37 8.77 12.81
N LEU A 95 11.20 9.46 13.93
CA LEU A 95 10.63 10.81 13.98
C LEU A 95 11.78 11.79 14.14
N PRO A 96 11.88 12.79 13.24
CA PRO A 96 12.92 13.82 13.43
C PRO A 96 12.80 14.49 14.79
N GLU A 97 13.92 14.72 15.47
CA GLU A 97 13.88 15.46 16.73
C GLU A 97 13.47 16.91 16.49
N VAL A 98 13.86 17.45 15.34
CA VAL A 98 13.38 18.76 14.89
C VAL A 98 12.04 18.63 14.18
N CYS A 99 10.96 18.74 14.93
CA CYS A 99 9.62 18.58 14.38
C CYS A 99 8.62 19.34 15.22
N SER A 100 7.44 19.58 14.67
CA SER A 100 6.36 20.27 15.38
C SER A 100 5.63 19.34 16.35
N GLU A 101 4.84 19.93 17.24
CA GLU A 101 3.99 19.17 18.15
C GLU A 101 2.99 18.33 17.37
N GLN A 102 2.56 18.84 16.23
CA GLN A 102 1.64 18.10 15.34
C GLN A 102 2.29 16.90 14.67
N ASP A 103 3.57 17.00 14.31
CA ASP A 103 4.32 15.84 13.78
C ASP A 103 4.41 14.75 14.85
N GLU A 104 4.67 15.16 16.08
CA GLU A 104 4.68 14.24 17.24
C GLU A 104 3.36 13.49 17.34
N LEU A 105 2.24 14.19 17.25
CA LEU A 105 0.92 13.57 17.33
C LEU A 105 0.65 12.70 16.10
N ASP A 106 1.10 13.13 14.92
CA ASP A 106 0.96 12.31 13.71
C ASP A 106 1.66 10.96 13.87
N PHE A 107 2.82 10.98 14.53
CA PHE A 107 3.68 9.81 14.66
C PHE A 107 3.07 8.83 15.66
N LEU A 108 2.60 9.37 16.77
CA LEU A 108 1.85 8.56 17.73
C LEU A 108 0.67 7.89 17.03
N MET A 109 -0.09 8.67 16.27
CA MET A 109 -1.30 8.11 15.66
C MET A 109 -0.95 6.99 14.68
N GLU A 110 0.15 7.17 13.94
CA GLU A 110 0.64 6.14 13.01
C GLU A 110 0.92 4.84 13.77
N ALA A 111 1.56 4.97 14.92
CA ALA A 111 1.91 3.83 15.76
C ALA A 111 0.64 3.10 16.22
N LEU A 112 -0.33 3.84 16.74
CA LEU A 112 -1.61 3.24 17.18
C LEU A 112 -2.33 2.55 16.00
N ILE A 113 -2.38 3.21 14.84
CA ILE A 113 -3.06 2.62 13.67
C ILE A 113 -2.44 1.27 13.26
N ILE A 114 -1.15 1.25 13.03
CA ILE A 114 -0.48 0.00 12.61
C ILE A 114 -0.55 -1.08 13.69
N SER A 115 -0.44 -0.68 14.95
CA SER A 115 -0.44 -1.65 16.05
C SER A 115 -1.77 -2.41 16.21
N LYS A 116 -2.89 -1.81 15.80
CA LYS A 116 -4.19 -2.47 15.95
C LYS A 116 -4.55 -3.45 14.82
N PHE A 117 -3.86 -3.38 13.69
CA PHE A 117 -4.11 -4.35 12.62
C PHE A 117 -3.52 -5.71 12.97
N ASN A 118 -4.19 -6.77 12.52
CA ASN A 118 -3.71 -8.12 12.71
C ASN A 118 -3.97 -8.96 11.47
N HIS A 119 -3.06 -8.92 10.52
CA HIS A 119 -3.26 -9.60 9.25
C HIS A 119 -1.97 -9.85 8.51
N GLN A 120 -1.90 -11.00 7.87
CA GLN A 120 -0.68 -11.44 7.18
C GLN A 120 -0.27 -10.56 5.97
N ASN A 121 -1.19 -9.77 5.42
CA ASN A 121 -0.85 -8.85 4.31
C ASN A 121 -0.84 -7.38 4.73
N ILE A 122 -0.67 -7.14 6.02
CA ILE A 122 -0.40 -5.84 6.56
C ILE A 122 0.84 -5.92 7.44
N VAL A 123 1.85 -5.09 7.20
CA VAL A 123 3.11 -5.17 7.97
C VAL A 123 2.83 -5.16 9.48
N ARG A 124 3.51 -6.03 10.22
CA ARG A 124 3.33 -6.13 11.67
C ARG A 124 4.05 -4.98 12.35
N CYS A 125 3.55 -4.54 13.50
CA CYS A 125 4.31 -3.62 14.37
C CYS A 125 4.88 -4.43 15.54
N ILE A 126 6.20 -4.51 15.60
CA ILE A 126 6.89 -5.18 16.68
C ILE A 126 6.73 -4.42 17.99
N GLY A 127 6.86 -3.10 17.91
CA GLY A 127 6.64 -2.24 19.03
C GLY A 127 7.05 -0.83 18.71
N VAL A 128 7.28 -0.06 19.76
CA VAL A 128 7.65 1.33 19.64
C VAL A 128 8.73 1.63 20.68
N SER A 129 9.44 2.71 20.47
CA SER A 129 10.35 3.25 21.46
C SER A 129 10.17 4.76 21.42
N LEU A 130 9.15 5.22 22.14
CA LEU A 130 8.71 6.62 22.12
C LEU A 130 9.23 7.43 23.30
N GLN A 131 9.91 6.77 24.25
CA GLN A 131 10.38 7.41 25.48
C GLN A 131 11.84 7.86 25.45
N SER A 132 12.53 7.57 24.34
CA SER A 132 13.85 8.14 24.07
C SER A 132 13.79 8.87 22.74
N LEU A 133 14.80 9.69 22.47
CA LEU A 133 14.84 10.54 21.30
C LEU A 133 16.06 10.18 20.43
N PRO A 134 15.87 10.05 19.10
CA PRO A 134 14.63 10.23 18.35
C PRO A 134 13.68 9.08 18.59
N ARG A 135 12.39 9.33 18.43
CA ARG A 135 11.38 8.32 18.67
C ARG A 135 11.36 7.31 17.52
N PHE A 136 11.10 6.04 17.86
CA PHE A 136 11.05 4.94 16.90
C PHE A 136 9.71 4.23 16.87
N ILE A 137 9.33 3.75 15.68
CA ILE A 137 8.32 2.72 15.53
C ILE A 137 9.04 1.54 14.91
N LEU A 138 8.84 0.37 15.50
CA LEU A 138 9.51 -0.85 15.05
C LEU A 138 8.54 -1.74 14.28
N LEU A 139 8.89 -2.01 13.01
CA LEU A 139 8.02 -2.69 12.06
C LEU A 139 8.66 -3.94 11.44
N GLU A 140 7.80 -4.82 10.95
CA GLU A 140 8.23 -6.01 10.23
C GLU A 140 9.18 -5.59 9.10
N LEU A 141 10.40 -6.12 9.11
CA LEU A 141 11.37 -5.81 8.06
C LEU A 141 10.92 -6.40 6.73
N MET A 142 10.84 -5.58 5.70
CA MET A 142 10.41 -6.05 4.39
C MET A 142 11.60 -5.96 3.44
N ALA A 143 12.32 -7.06 3.35
CA ALA A 143 13.64 -7.08 2.66
C ALA A 143 13.54 -6.87 1.15
N GLY A 144 12.35 -7.08 0.57
CA GLY A 144 12.14 -6.85 -0.86
C GLY A 144 11.86 -5.41 -1.24
N GLY A 145 11.72 -4.53 -0.26
CA GLY A 145 11.41 -3.13 -0.51
C GLY A 145 10.02 -2.84 -1.07
N ASP A 146 9.83 -1.63 -1.56
CA ASP A 146 8.50 -1.22 -2.07
C ASP A 146 8.18 -1.86 -3.44
N LEU A 147 6.89 -2.05 -3.70
CA LEU A 147 6.41 -2.75 -4.86
C LEU A 147 6.69 -1.99 -6.16
N LYS A 148 6.53 -0.68 -6.17
CA LYS A 148 6.78 0.08 -7.41
C LYS A 148 8.21 -0.08 -7.85
N SER A 149 9.15 0.05 -6.91
CA SER A 149 10.57 -0.08 -7.20
C SER A 149 10.90 -1.48 -7.67
N PHE A 150 10.36 -2.46 -6.96
CA PHE A 150 10.48 -3.85 -7.34
C PHE A 150 10.05 -4.12 -8.78
N LEU A 151 8.86 -3.65 -9.14
CA LEU A 151 8.32 -3.91 -10.47
C LEU A 151 9.22 -3.31 -11.55
N ARG A 152 9.69 -2.08 -11.31
CA ARG A 152 10.57 -1.38 -12.26
C ARG A 152 11.93 -2.06 -12.38
N GLU A 153 12.45 -2.57 -11.27
CA GLU A 153 13.80 -3.17 -11.27
C GLU A 153 13.80 -4.65 -11.65
N THR A 154 12.65 -5.31 -11.59
CA THR A 154 12.56 -6.74 -11.86
C THR A 154 11.83 -7.05 -13.17
N ARG A 155 11.59 -6.03 -13.97
CA ARG A 155 11.08 -6.19 -15.33
C ARG A 155 11.89 -7.19 -16.11
N PRO A 156 11.23 -8.12 -16.81
CA PRO A 156 12.00 -9.02 -17.66
C PRO A 156 12.85 -8.24 -18.67
N ARG A 157 14.10 -8.66 -18.81
CA ARG A 157 15.05 -8.05 -19.76
C ARG A 157 15.93 -9.17 -20.35
N PRO A 158 16.68 -8.87 -21.43
CA PRO A 158 17.67 -9.83 -21.92
C PRO A 158 18.86 -9.95 -20.96
N SER A 162 12.84 -13.90 -17.81
CA SER A 162 12.36 -14.99 -16.95
C SER A 162 12.26 -14.56 -15.48
N SER A 163 12.51 -13.28 -15.22
CA SER A 163 12.50 -12.76 -13.85
C SER A 163 11.10 -12.80 -13.23
N LEU A 164 10.10 -12.35 -13.99
CA LEU A 164 8.70 -12.36 -13.56
C LEU A 164 7.81 -13.00 -14.60
N ALA A 165 6.70 -13.57 -14.13
CA ALA A 165 5.67 -14.17 -14.97
C ALA A 165 4.33 -13.64 -14.51
N MET A 166 3.29 -13.85 -15.32
CA MET A 166 1.96 -13.40 -14.95
C MET A 166 1.52 -13.86 -13.56
N LEU A 167 1.83 -15.10 -13.21
CA LEU A 167 1.45 -15.65 -11.91
C LEU A 167 2.09 -14.90 -10.74
N ASP A 168 3.32 -14.42 -10.90
CA ASP A 168 3.95 -13.57 -9.86
C ASP A 168 3.11 -12.32 -9.62
N LEU A 169 2.64 -11.71 -10.71
CA LEU A 169 1.87 -10.48 -10.64
C LEU A 169 0.49 -10.72 -10.01
N LEU A 170 -0.15 -11.82 -10.39
CA LEU A 170 -1.41 -12.23 -9.81
C LEU A 170 -1.29 -12.54 -8.31
N HIS A 171 -0.20 -13.16 -7.88
CA HIS A 171 0.03 -13.39 -6.44
C HIS A 171 0.18 -12.09 -5.65
N VAL A 172 0.95 -11.14 -6.19
CA VAL A 172 1.06 -9.80 -5.57
C VAL A 172 -0.36 -9.20 -5.44
N ALA A 173 -1.14 -9.26 -6.51
CA ALA A 173 -2.49 -8.68 -6.52
C ALA A 173 -3.40 -9.35 -5.48
N ARG A 174 -3.37 -10.67 -5.43
CA ARG A 174 -4.11 -11.44 -4.42
C ARG A 174 -3.75 -11.03 -3.01
N ASP A 175 -2.44 -10.88 -2.75
CA ASP A 175 -1.95 -10.54 -1.42
C ASP A 175 -2.51 -9.19 -0.99
N ILE A 176 -2.39 -8.18 -1.85
CA ILE A 176 -2.87 -6.85 -1.51
C ILE A 176 -4.40 -6.83 -1.40
N ALA A 177 -5.10 -7.51 -2.30
CA ALA A 177 -6.55 -7.66 -2.21
C ALA A 177 -6.97 -8.31 -0.88
N CYS A 178 -6.19 -9.28 -0.40
CA CYS A 178 -6.45 -9.93 0.88
C CYS A 178 -6.32 -8.93 2.05
N GLY A 179 -5.29 -8.10 2.00
CA GLY A 179 -5.12 -7.03 3.00
C GLY A 179 -6.25 -6.02 2.91
N CYS A 180 -6.65 -5.68 1.69
CA CYS A 180 -7.77 -4.74 1.48
C CYS A 180 -9.12 -5.30 1.96
N GLN A 181 -9.36 -6.59 1.74
CA GLN A 181 -10.55 -7.26 2.26
C GLN A 181 -10.64 -7.20 3.78
N TYR A 182 -9.50 -7.41 4.43
CA TYR A 182 -9.39 -7.33 5.90
C TYR A 182 -9.72 -5.91 6.42
N LEU A 183 -9.18 -4.89 5.79
CA LEU A 183 -9.53 -3.50 6.08
C LEU A 183 -11.05 -3.23 5.90
N GLU A 184 -11.57 -3.65 4.76
CA GLU A 184 -13.00 -3.50 4.43
C GLU A 184 -13.88 -4.20 5.47
N GLU A 185 -13.56 -5.47 5.77
CA GLU A 185 -14.23 -6.22 6.82
C GLU A 185 -14.25 -5.50 8.16
N ASN A 186 -13.21 -4.73 8.43
CA ASN A 186 -13.08 -3.97 9.66
C ASN A 186 -13.40 -2.49 9.53
N HIS A 187 -14.02 -2.12 8.40
CA HIS A 187 -14.52 -0.78 8.17
C HIS A 187 -13.47 0.30 8.19
N PHE A 188 -12.24 -0.05 7.81
CA PHE A 188 -11.16 0.92 7.72
C PHE A 188 -11.00 1.32 6.27
N ILE A 189 -11.03 2.64 6.00
CA ILE A 189 -10.82 3.15 4.67
C ILE A 189 -9.39 3.63 4.55
N HIS A 190 -8.64 3.03 3.63
CA HIS A 190 -7.21 3.32 3.49
C HIS A 190 -6.93 4.66 2.84
N ARG A 191 -7.58 4.94 1.74
CA ARG A 191 -7.45 6.25 1.04
C ARG A 191 -6.24 6.43 0.14
N ASP A 192 -5.24 5.54 0.21
CA ASP A 192 -4.05 5.68 -0.61
C ASP A 192 -3.46 4.31 -1.06
N ILE A 193 -4.31 3.40 -1.54
CA ILE A 193 -3.86 2.11 -2.07
C ILE A 193 -3.10 2.37 -3.38
N ALA A 194 -1.80 2.10 -3.38
CA ALA A 194 -0.90 2.43 -4.48
C ALA A 194 0.33 1.57 -4.33
N ALA A 195 1.00 1.28 -5.45
CA ALA A 195 2.17 0.39 -5.42
C ALA A 195 3.28 0.91 -4.50
N ARG A 196 3.49 2.22 -4.47
CA ARG A 196 4.48 2.85 -3.58
C ARG A 196 4.25 2.59 -2.08
N ASN A 197 3.03 2.22 -1.73
CA ASN A 197 2.63 2.00 -0.33
C ASN A 197 2.57 0.53 0.05
N CYS A 198 2.97 -0.34 -0.88
CA CYS A 198 3.07 -1.78 -0.64
C CYS A 198 4.51 -2.21 -0.59
N LEU A 199 4.75 -3.27 0.18
CA LEU A 199 6.10 -3.78 0.41
C LEU A 199 6.15 -5.28 0.14
N LEU A 200 7.37 -5.79 -0.07
CA LEU A 200 7.60 -7.20 -0.36
C LEU A 200 8.55 -7.82 0.68
N THR A 201 8.24 -9.05 1.09
CA THR A 201 9.01 -9.74 2.11
C THR A 201 10.44 -9.99 1.64
N CYS A 202 10.59 -10.30 0.36
CA CYS A 202 11.87 -10.68 -0.21
C CYS A 202 11.78 -10.51 -1.73
N PRO A 203 12.92 -10.30 -2.40
CA PRO A 203 12.90 -10.10 -3.86
C PRO A 203 12.50 -11.36 -4.66
N GLY A 204 12.87 -12.52 -4.13
CA GLY A 204 12.81 -13.75 -4.90
C GLY A 204 11.49 -14.48 -4.79
N PRO A 205 11.43 -15.70 -5.37
CA PRO A 205 10.24 -16.53 -5.27
C PRO A 205 9.78 -16.70 -3.82
N GLY A 206 8.48 -16.80 -3.62
CA GLY A 206 7.90 -16.88 -2.30
C GLY A 206 7.59 -15.51 -1.72
N ARG A 207 7.91 -14.43 -2.42
CA ARG A 207 7.67 -13.09 -1.88
C ARG A 207 6.20 -12.97 -1.49
N VAL A 208 5.94 -12.25 -0.41
CA VAL A 208 4.57 -11.90 -0.02
C VAL A 208 4.49 -10.37 -0.02
N ALA A 209 3.41 -9.87 -0.60
CA ALA A 209 3.14 -8.44 -0.66
C ALA A 209 2.21 -8.05 0.48
N LYS A 210 2.45 -6.88 1.07
CA LYS A 210 1.73 -6.36 2.21
C LYS A 210 1.56 -4.85 2.07
N ILE A 211 0.51 -4.32 2.68
CA ILE A 211 0.28 -2.89 2.74
C ILE A 211 1.19 -2.34 3.84
N GLY A 212 1.98 -1.31 3.53
CA GLY A 212 3.04 -0.85 4.45
C GLY A 212 3.00 0.60 4.92
N ASP A 213 2.09 1.39 4.39
CA ASP A 213 1.98 2.80 4.76
C ASP A 213 0.51 3.15 4.97
N PHE A 214 0.24 3.88 6.05
CA PHE A 214 -1.10 4.37 6.41
C PHE A 214 -1.11 5.88 6.69
N GLY A 215 -0.27 6.63 5.97
CA GLY A 215 -0.06 8.05 6.26
C GLY A 215 -1.25 8.95 5.94
N MET A 216 -1.93 8.65 4.83
CA MET A 216 -3.11 9.39 4.40
C MET A 216 -4.30 9.16 5.33
N ALA A 217 -4.56 7.90 5.67
CA ALA A 217 -5.61 7.59 6.67
C ALA A 217 -5.30 8.28 8.01
N ARG A 218 -4.03 8.33 8.39
CA ARG A 218 -3.59 8.99 9.62
C ARG A 218 -3.87 10.50 9.62
N ASP A 219 -3.53 11.15 8.50
CA ASP A 219 -3.80 12.59 8.31
C ASP A 219 -5.28 12.89 8.43
N ILE A 220 -6.11 12.07 7.80
CA ILE A 220 -7.57 12.29 7.79
C ILE A 220 -8.18 12.02 9.15
N TYR A 221 -7.75 10.94 9.80
CA TYR A 221 -8.14 10.69 11.20
C TYR A 221 -7.85 11.89 12.11
N ARG A 222 -6.72 12.56 11.90
CA ARG A 222 -6.30 13.70 12.73
C ARG A 222 -6.85 15.06 12.26
N ALA A 223 -7.53 15.09 11.13
CA ALA A 223 -8.06 16.34 10.56
C ALA A 223 -9.30 16.81 11.33
N GLY A 230 -1.99 18.95 1.55
CA GLY A 230 -2.36 19.97 0.58
C GLY A 230 -2.81 19.44 -0.77
N CYS A 231 -3.46 20.32 -1.53
CA CYS A 231 -4.03 19.99 -2.84
C CYS A 231 -3.06 19.24 -3.77
N ALA A 232 -1.85 19.78 -3.93
CA ALA A 232 -0.84 19.19 -4.82
C ALA A 232 -0.29 17.83 -4.37
N MET A 233 -0.55 17.43 -3.12
CA MET A 233 -0.06 16.17 -2.59
C MET A 233 -1.11 15.04 -2.59
N LEU A 234 -2.35 15.36 -2.90
CA LEU A 234 -3.40 14.34 -2.98
C LEU A 234 -3.12 13.27 -4.05
N PRO A 235 -3.42 12.00 -3.75
CA PRO A 235 -3.18 10.94 -4.74
C PRO A 235 -4.31 10.90 -5.79
N VAL A 236 -4.42 11.99 -6.55
CA VAL A 236 -5.51 12.21 -7.52
C VAL A 236 -5.66 11.02 -8.48
N LYS A 237 -4.54 10.52 -8.97
CA LYS A 237 -4.54 9.47 -9.98
C LYS A 237 -5.02 8.11 -9.51
N TRP A 238 -5.21 7.97 -8.20
CA TRP A 238 -5.72 6.78 -7.57
C TRP A 238 -7.10 6.99 -6.98
N MET A 239 -7.70 8.17 -7.19
CA MET A 239 -8.97 8.51 -6.54
C MET A 239 -10.21 8.44 -7.46
N PRO A 240 -11.34 7.96 -6.93
CA PRO A 240 -12.58 7.94 -7.70
C PRO A 240 -13.28 9.32 -7.70
N PRO A 241 -14.14 9.59 -8.68
CA PRO A 241 -14.80 10.90 -8.83
C PRO A 241 -15.41 11.45 -7.56
N GLU A 242 -16.22 10.66 -6.86
CA GLU A 242 -16.87 11.14 -5.65
C GLU A 242 -15.89 11.53 -4.54
N ALA A 243 -14.68 10.95 -4.53
CA ALA A 243 -13.67 11.29 -3.54
C ALA A 243 -13.07 12.67 -3.80
N PHE A 244 -12.61 12.92 -5.02
CA PHE A 244 -11.98 14.22 -5.27
C PHE A 244 -12.99 15.35 -5.49
N MET A 245 -14.27 15.02 -5.70
CA MET A 245 -15.32 16.04 -5.91
C MET A 245 -16.02 16.45 -4.61
N GLU A 246 -16.54 15.44 -3.90
CA GLU A 246 -17.33 15.67 -2.69
C GLU A 246 -16.55 15.36 -1.42
N GLY A 247 -15.33 14.83 -1.54
CA GLY A 247 -14.61 14.39 -0.36
C GLY A 247 -15.34 13.29 0.39
N ILE A 248 -16.10 12.48 -0.34
CA ILE A 248 -16.81 11.32 0.22
C ILE A 248 -15.95 10.06 0.02
N PHE A 249 -15.56 9.45 1.14
CA PHE A 249 -14.77 8.23 1.11
C PHE A 249 -15.56 7.06 1.73
N THR A 250 -15.51 5.92 1.06
CA THR A 250 -16.10 4.66 1.53
C THR A 250 -15.15 3.52 1.14
N SER A 251 -15.52 2.27 1.40
CA SER A 251 -14.69 1.14 0.95
C SER A 251 -14.67 1.00 -0.58
N LYS A 252 -15.71 1.52 -1.25
CA LYS A 252 -15.70 1.55 -2.70
C LYS A 252 -14.66 2.55 -3.25
N THR A 253 -14.18 3.46 -2.40
CA THR A 253 -13.02 4.30 -2.73
C THR A 253 -11.76 3.47 -2.91
N ASP A 254 -11.53 2.56 -1.96
CA ASP A 254 -10.34 1.68 -2.02
C ASP A 254 -10.46 0.68 -3.17
N THR A 255 -11.68 0.28 -3.56
CA THR A 255 -11.86 -0.57 -4.76
C THR A 255 -11.33 0.12 -5.97
N TRP A 256 -11.72 1.38 -6.17
CA TRP A 256 -11.19 2.17 -7.27
C TRP A 256 -9.68 2.23 -7.27
N SER A 257 -9.09 2.61 -6.14
CA SER A 257 -7.64 2.71 -6.06
C SER A 257 -6.98 1.36 -6.37
N PHE A 258 -7.58 0.27 -5.89
CA PHE A 258 -7.03 -1.07 -6.14
C PHE A 258 -6.99 -1.36 -7.65
N GLY A 259 -8.01 -0.91 -8.38
CA GLY A 259 -7.98 -0.98 -9.83
C GLY A 259 -6.75 -0.30 -10.41
N VAL A 260 -6.42 0.88 -9.90
CA VAL A 260 -5.26 1.59 -10.36
C VAL A 260 -3.97 0.82 -9.97
N LEU A 261 -3.93 0.27 -8.77
CA LEU A 261 -2.79 -0.59 -8.35
C LEU A 261 -2.61 -1.78 -9.28
N LEU A 262 -3.71 -2.44 -9.64
CA LEU A 262 -3.68 -3.54 -10.62
C LEU A 262 -3.05 -3.09 -11.93
N TRP A 263 -3.43 -1.91 -12.39
CA TRP A 263 -2.80 -1.33 -13.57
C TRP A 263 -1.32 -1.15 -13.38
N GLU A 264 -0.93 -0.60 -12.24
CA GLU A 264 0.50 -0.45 -11.94
C GLU A 264 1.26 -1.77 -11.93
N ILE A 265 0.64 -2.80 -11.40
CA ILE A 265 1.28 -4.11 -11.29
C ILE A 265 1.46 -4.72 -12.67
N PHE A 266 0.40 -4.74 -13.47
CA PHE A 266 0.46 -5.36 -14.81
C PHE A 266 1.20 -4.55 -15.88
N SER A 267 1.37 -3.25 -15.62
CA SER A 267 2.23 -2.40 -16.42
C SER A 267 3.70 -2.53 -16.03
N LEU A 268 3.99 -3.30 -14.99
CA LEU A 268 5.32 -3.43 -14.40
C LEU A 268 5.88 -2.09 -13.90
N GLY A 269 5.05 -1.34 -13.19
CA GLY A 269 5.49 -0.19 -12.41
C GLY A 269 5.48 1.17 -13.11
N TYR A 270 4.71 1.30 -14.19
CA TYR A 270 4.53 2.60 -14.88
C TYR A 270 3.64 3.51 -14.04
N MET A 271 3.81 4.82 -14.24
CA MET A 271 2.95 5.83 -13.62
C MET A 271 1.59 5.78 -14.30
N PRO A 272 0.50 5.76 -13.51
CA PRO A 272 -0.82 5.77 -14.13
C PRO A 272 -1.08 7.01 -14.98
N TYR A 273 -2.00 6.86 -15.92
CA TYR A 273 -2.36 7.90 -16.89
C TYR A 273 -1.14 8.55 -17.51
N PRO A 274 -0.31 7.76 -18.25
CA PRO A 274 0.90 8.27 -18.88
C PRO A 274 0.66 9.60 -19.62
N SER A 275 1.53 10.59 -19.37
CA SER A 275 1.50 11.90 -20.00
C SER A 275 0.39 12.84 -19.51
N LYS A 276 -0.30 12.47 -18.43
CA LYS A 276 -1.36 13.32 -17.89
C LYS A 276 -0.95 13.86 -16.52
N SER A 277 -1.25 15.13 -16.30
CA SER A 277 -1.06 15.76 -15.00
C SER A 277 -2.28 15.46 -14.12
N ASN A 278 -2.20 15.84 -12.86
CA ASN A 278 -3.32 15.63 -11.93
C ASN A 278 -4.64 16.23 -12.42
N GLN A 279 -4.64 17.50 -12.80
CA GLN A 279 -5.89 18.15 -13.26
C GLN A 279 -6.42 17.49 -14.53
N GLU A 280 -5.52 17.14 -15.45
CA GLU A 280 -5.92 16.45 -16.68
C GLU A 280 -6.54 15.11 -16.32
N VAL A 281 -5.97 14.41 -15.34
CA VAL A 281 -6.57 13.13 -14.95
C VAL A 281 -7.92 13.36 -14.32
N LEU A 282 -8.01 14.30 -13.40
CA LEU A 282 -9.27 14.65 -12.76
C LEU A 282 -10.38 14.86 -13.80
N GLU A 283 -10.11 15.67 -14.83
CA GLU A 283 -11.14 15.95 -15.85
C GLU A 283 -11.42 14.75 -16.75
N PHE A 284 -10.36 14.01 -17.09
CA PHE A 284 -10.45 12.79 -17.90
C PHE A 284 -11.36 11.76 -17.21
N VAL A 285 -11.05 11.46 -15.95
CA VAL A 285 -11.82 10.46 -15.18
C VAL A 285 -13.27 10.91 -14.96
N THR A 286 -13.44 12.18 -14.60
CA THR A 286 -14.76 12.75 -14.34
C THR A 286 -15.66 12.74 -15.58
N SER A 287 -15.05 12.70 -16.76
CA SER A 287 -15.80 12.67 -18.02
C SER A 287 -15.94 11.25 -18.57
N GLY A 288 -15.51 10.25 -17.80
CA GLY A 288 -15.72 8.84 -18.15
C GLY A 288 -14.49 8.15 -18.69
N GLY A 289 -13.40 8.91 -18.85
CA GLY A 289 -12.15 8.37 -19.32
C GLY A 289 -11.57 7.32 -18.38
N ARG A 290 -11.04 6.27 -18.99
CA ARG A 290 -10.38 5.17 -18.26
C ARG A 290 -9.07 4.81 -18.96
N MET A 291 -8.10 4.32 -18.20
CA MET A 291 -6.82 3.88 -18.78
C MET A 291 -7.02 2.71 -19.75
N ASP A 292 -6.14 2.62 -20.73
CA ASP A 292 -6.06 1.47 -21.61
C ASP A 292 -5.40 0.31 -20.85
N PRO A 293 -5.53 -0.91 -21.38
CA PRO A 293 -4.83 -2.03 -20.73
C PRO A 293 -3.32 -1.88 -20.76
N PRO A 294 -2.63 -2.31 -19.70
CA PRO A 294 -1.17 -2.37 -19.80
C PRO A 294 -0.74 -3.29 -20.93
N LYS A 295 0.50 -3.15 -21.38
CA LYS A 295 1.04 -3.96 -22.46
C LYS A 295 0.97 -5.47 -22.12
N ASN A 296 0.36 -6.24 -23.02
CA ASN A 296 0.13 -7.71 -22.89
C ASN A 296 -0.82 -8.14 -21.77
N CYS A 297 -1.60 -7.20 -21.26
CA CYS A 297 -2.49 -7.53 -20.15
C CYS A 297 -3.58 -8.48 -20.64
N PRO A 298 -3.73 -9.66 -19.99
CA PRO A 298 -4.85 -10.50 -20.42
C PRO A 298 -6.19 -9.80 -20.21
N GLY A 299 -7.13 -10.07 -21.11
CA GLY A 299 -8.48 -9.53 -21.01
C GLY A 299 -9.13 -9.68 -19.65
N PRO A 300 -9.09 -10.90 -19.07
CA PRO A 300 -9.78 -11.10 -17.78
C PRO A 300 -9.22 -10.25 -16.64
N VAL A 301 -7.94 -9.90 -16.71
CA VAL A 301 -7.32 -9.06 -15.69
C VAL A 301 -7.70 -7.61 -15.97
N TYR A 302 -7.65 -7.20 -17.23
CA TYR A 302 -8.17 -5.85 -17.58
C TYR A 302 -9.62 -5.65 -17.10
N ARG A 303 -10.47 -6.68 -17.21
CA ARG A 303 -11.88 -6.54 -16.83
C ARG A 303 -12.07 -6.35 -15.33
N ILE A 304 -11.14 -6.85 -14.52
CA ILE A 304 -11.14 -6.53 -13.10
C ILE A 304 -10.89 -5.01 -12.92
N MET A 305 -9.91 -4.47 -13.62
CA MET A 305 -9.62 -3.04 -13.55
C MET A 305 -10.86 -2.20 -13.92
N THR A 306 -11.49 -2.52 -15.04
CA THR A 306 -12.66 -1.74 -15.48
C THR A 306 -13.87 -1.85 -14.56
N GLN A 307 -14.07 -3.00 -13.89
CA GLN A 307 -15.10 -3.09 -12.84
C GLN A 307 -14.77 -2.27 -11.59
N CYS A 308 -13.50 -2.27 -11.19
CA CYS A 308 -13.04 -1.41 -10.11
C CYS A 308 -13.29 0.08 -10.40
N TRP A 309 -13.24 0.45 -11.68
CA TRP A 309 -13.43 1.85 -12.09
C TRP A 309 -14.83 2.17 -12.55
N GLN A 310 -15.84 1.46 -12.08
CA GLN A 310 -17.21 1.84 -12.46
C GLN A 310 -17.52 3.22 -11.88
N HIS A 311 -18.23 4.06 -12.63
CA HIS A 311 -18.48 5.43 -12.17
C HIS A 311 -19.21 5.45 -10.85
N GLN A 312 -20.25 4.63 -10.72
CA GLN A 312 -21.04 4.64 -9.49
C GLN A 312 -20.44 3.63 -8.50
N PRO A 313 -20.19 4.06 -7.25
CA PRO A 313 -19.58 3.17 -6.25
C PRO A 313 -20.31 1.84 -6.08
N GLU A 314 -21.63 1.87 -6.21
CA GLU A 314 -22.47 0.68 -6.07
C GLU A 314 -22.17 -0.37 -7.12
N ASP A 315 -21.71 0.07 -8.29
CA ASP A 315 -21.42 -0.84 -9.38
C ASP A 315 -19.99 -1.44 -9.29
N ARG A 316 -19.19 -0.98 -8.33
CA ARG A 316 -17.84 -1.54 -8.10
C ARG A 316 -17.90 -2.79 -7.24
N PRO A 317 -17.04 -3.79 -7.54
CA PRO A 317 -17.04 -4.97 -6.68
C PRO A 317 -16.46 -4.73 -5.28
N ASN A 318 -16.99 -5.41 -4.28
CA ASN A 318 -16.31 -5.44 -3.00
C ASN A 318 -15.03 -6.33 -3.14
N PHE A 319 -14.24 -6.43 -2.08
CA PHE A 319 -12.97 -7.17 -2.18
C PHE A 319 -13.11 -8.69 -2.20
N ALA A 320 -14.21 -9.21 -1.65
CA ALA A 320 -14.50 -10.64 -1.78
C ALA A 320 -14.65 -11.00 -3.25
N ILE A 321 -15.38 -10.18 -4.01
CA ILE A 321 -15.57 -10.43 -5.43
C ILE A 321 -14.26 -10.25 -6.18
N ILE A 322 -13.49 -9.21 -5.85
CA ILE A 322 -12.20 -8.97 -6.50
C ILE A 322 -11.28 -10.18 -6.32
N LEU A 323 -11.22 -10.71 -5.10
CA LEU A 323 -10.41 -11.92 -4.81
C LEU A 323 -10.86 -13.14 -5.62
N GLU A 324 -12.17 -13.33 -5.74
CA GLU A 324 -12.73 -14.41 -6.56
C GLU A 324 -12.27 -14.30 -8.01
N ARG A 325 -12.28 -13.07 -8.54
CA ARG A 325 -11.90 -12.82 -9.94
C ARG A 325 -10.40 -12.99 -10.14
N ILE A 326 -9.60 -12.55 -9.17
CA ILE A 326 -8.14 -12.78 -9.22
C ILE A 326 -7.86 -14.30 -9.20
N GLU A 327 -8.57 -15.02 -8.34
CA GLU A 327 -8.41 -16.48 -8.25
C GLU A 327 -8.75 -17.19 -9.55
N TYR A 328 -9.80 -16.74 -10.23
CA TYR A 328 -10.18 -17.28 -11.52
C TYR A 328 -9.12 -17.01 -12.59
N CYS A 329 -8.58 -15.79 -12.60
CA CYS A 329 -7.50 -15.46 -13.52
C CYS A 329 -6.30 -16.37 -13.29
N THR A 330 -6.01 -16.60 -12.03
CA THR A 330 -4.86 -17.39 -11.60
C THR A 330 -4.96 -18.84 -12.02
N GLN A 331 -6.17 -19.39 -12.07
CA GLN A 331 -6.35 -20.79 -12.47
C GLN A 331 -6.47 -20.96 -14.00
N ASP A 332 -6.66 -19.87 -14.74
CA ASP A 332 -6.90 -19.88 -16.19
C ASP A 332 -5.61 -19.95 -17.02
N PRO A 333 -5.36 -21.09 -17.72
CA PRO A 333 -4.12 -21.24 -18.49
C PRO A 333 -3.86 -20.12 -19.50
N ASP A 334 -4.89 -19.62 -20.15
CA ASP A 334 -4.69 -18.60 -21.17
C ASP A 334 -4.24 -17.27 -20.54
N VAL A 335 -4.57 -17.04 -19.28
CA VAL A 335 -4.07 -15.85 -18.59
C VAL A 335 -2.61 -16.05 -18.19
N ILE A 336 -2.35 -17.11 -17.45
CA ILE A 336 -1.05 -17.29 -16.83
C ILE A 336 0.04 -17.70 -17.84
N ASN A 337 -0.36 -18.23 -19.00
CA ASN A 337 0.62 -18.51 -20.05
C ASN A 337 0.92 -17.31 -20.97
N THR A 338 0.36 -16.14 -20.67
CA THR A 338 0.70 -14.93 -21.43
C THR A 338 2.05 -14.36 -21.03
N ALA A 339 2.93 -14.20 -22.01
CA ALA A 339 4.27 -13.66 -21.77
C ALA A 339 4.19 -12.17 -21.50
N LEU A 340 4.94 -11.74 -20.47
CA LEU A 340 5.15 -10.35 -20.19
C LEU A 340 6.14 -9.78 -21.20
N PRO A 341 5.97 -8.50 -21.56
CA PRO A 341 6.92 -7.90 -22.49
C PRO A 341 8.34 -7.91 -21.93
N ILE A 342 9.32 -8.00 -22.81
CA ILE A 342 10.72 -7.93 -22.40
C ILE A 342 11.23 -6.53 -22.70
N GLU A 343 11.75 -5.87 -21.67
CA GLU A 343 12.23 -4.50 -21.79
C GLU A 343 13.65 -4.55 -22.31
N TYR A 344 13.93 -3.81 -23.38
CA TYR A 344 15.21 -3.93 -24.08
C TYR A 344 16.36 -3.32 -23.27
N GLY A 345 17.45 -4.07 -23.13
CA GLY A 345 18.64 -3.64 -22.39
C GLY A 345 19.87 -4.47 -22.70
C16 0US B . 5.84 1.39 2.02
C15 0US B . 6.25 2.44 2.75
C21 0US B . 7.19 2.26 3.90
N5 0US B . 6.45 2.27 5.14
S1 0US B . 7.39 2.12 6.48
O1 0US B . 6.51 2.35 7.68
O2 0US B . 8.53 3.09 6.44
C5 0US B . 7.99 0.48 6.50
C7 0US B . 9.12 0.13 5.77
C22 0US B . 7.33 -0.47 7.27
C26 0US B . 7.80 -1.77 7.32
C23 0US B . 8.91 -2.14 6.59
C6 0US B . 9.58 -1.20 5.82
C4 0US B . 10.79 -1.65 5.01
O3 0US B . 11.25 -2.78 5.19
N3 0US B . 11.21 -0.77 4.10
C1 0US B . 12.20 -1.02 3.23
N1 0US B . 12.90 -2.15 3.16
C2 0US B . 13.77 -2.05 2.15
C10 0US B . 14.74 -2.91 1.63
C11 0US B . 15.51 -2.50 0.54
C12 0US B . 16.61 -3.44 -0.02
N4 0US B . 16.49 -3.63 -1.48
C24 0US B . 17.70 -4.40 -1.88
C29 0US B . 17.64 -4.88 -3.34
C30 0US B . 16.36 -5.66 -3.63
C28 0US B . 15.15 -4.82 -3.25
C25 0US B . 15.24 -4.36 -1.78
C17 0US B . 15.32 -1.24 -0.02
C9 0US B . 14.36 -0.38 0.48
C3 0US B . 13.59 -0.79 1.58
N2 0US B . 12.63 -0.21 2.27
C8 0US B . 12.17 1.15 1.92
C14 0US B . 10.70 1.20 1.48
C19 0US B . 10.47 2.57 0.85
C13 0US B . 12.38 2.12 3.05
C18 0US B . 12.20 3.53 2.49
C20 0US B . 10.87 3.74 1.77
C27 0US B . 9.75 3.98 2.79
O4 0US B . 10.13 5.04 3.69
#